data_6BFP
#
_entry.id   6BFP
#
_cell.length_a   54.510
_cell.length_b   58.330
_cell.length_c   66.580
_cell.angle_alpha   90.00
_cell.angle_beta   90.00
_cell.angle_gamma   90.00
#
_symmetry.space_group_name_H-M   'P 21 21 21'
#
loop_
_entity.id
_entity.type
_entity.pdbx_description
1 polymer 'Cationic trypsin'
2 non-polymer 'CALCIUM ION'
3 non-polymer '3-{2-[(4-carbamimidoylphenyl)carbamoyl]-4-ethenyl-5-methoxyphenyl}-6-[(cyclopropylmethyl)carbamoyl]pyridine-2-carboxylic acid'
4 water water
#
_entity_poly.entity_id   1
_entity_poly.type   'polypeptide(L)'
_entity_poly.pdbx_seq_one_letter_code
;IVGGYTCGANTVPYQVSLNSGYHFCGGSLINSQWVVSAAHCYKSGIQVRLGEDNINVVEGNEQFISASKSIVHPSYNSNT
LNNDIMLIKLKSAASLNSRVASISLPTSCASAGTQCLISGWGNTKSSGTSYPDVLKCLKAPILSDSSCKSAYPGQITSNM
FCAGYLEGGKDSCQGDSGGPVVCSGKLQGIVSWGSGCAQKNKPGVYTKVCNYVSWIKQTIASN
;
_entity_poly.pdbx_strand_id   A
#
loop_
_chem_comp.id
_chem_comp.type
_chem_comp.name
_chem_comp.formula
CA non-polymer 'CALCIUM ION' 'Ca 2'
DJY non-polymer '3-{2-[(4-carbamimidoylphenyl)carbamoyl]-4-ethenyl-5-methoxyphenyl}-6-[(cyclopropylmethyl)carbamoyl]pyridine-2-carboxylic acid' 'C28 H27 N5 O5'
#
# COMPACT_ATOMS: atom_id res chain seq x y z
N ILE A 1 -2.82 -11.03 1.86
CA ILE A 1 -3.65 -11.18 0.66
C ILE A 1 -4.33 -12.53 0.72
N VAL A 2 -5.66 -12.53 0.64
CA VAL A 2 -6.47 -13.75 0.61
C VAL A 2 -6.91 -14.03 -0.83
N GLY A 3 -6.70 -15.27 -1.29
CA GLY A 3 -7.18 -15.67 -2.59
C GLY A 3 -6.36 -15.11 -3.75
N GLY A 4 -5.11 -14.74 -3.46
CA GLY A 4 -4.18 -14.24 -4.47
C GLY A 4 -3.22 -15.30 -4.95
N TYR A 5 -2.07 -14.84 -5.42
CA TYR A 5 -1.06 -15.70 -6.01
C TYR A 5 0.31 -15.18 -5.64
N THR A 6 1.31 -16.06 -5.73
CA THR A 6 2.70 -15.67 -5.50
C THR A 6 3.17 -14.75 -6.61
N CYS A 7 3.55 -13.52 -6.27
CA CYS A 7 3.90 -12.53 -7.29
C CYS A 7 5.06 -13.00 -8.15
N GLY A 8 6.09 -13.54 -7.49
CA GLY A 8 7.37 -13.78 -8.12
C GLY A 8 8.37 -12.78 -7.56
N ALA A 9 9.57 -13.25 -7.28
CA ALA A 9 10.58 -12.42 -6.64
C ALA A 9 10.87 -11.14 -7.40
N ASN A 10 10.70 -10.02 -6.72
CA ASN A 10 11.06 -8.70 -7.23
C ASN A 10 10.28 -8.28 -8.46
N THR A 11 9.12 -8.87 -8.68
CA THR A 11 8.27 -8.49 -9.82
C THR A 11 7.41 -7.27 -9.51
N VAL A 12 7.41 -6.83 -8.25
CA VAL A 12 6.66 -5.66 -7.79
C VAL A 12 7.68 -4.72 -7.14
N PRO A 13 8.48 -4.05 -7.97
CA PRO A 13 9.74 -3.49 -7.45
C PRO A 13 9.59 -2.27 -6.56
N TYR A 14 8.39 -1.71 -6.55
CA TYR A 14 8.06 -0.56 -5.71
C TYR A 14 7.51 -0.99 -4.35
N GLN A 15 7.24 -2.27 -4.16
CA GLN A 15 6.72 -2.76 -2.89
C GLN A 15 7.77 -2.78 -1.82
N VAL A 16 7.53 -2.11 -0.69
N VAL A 16 7.39 -2.22 -0.67
CA VAL A 16 8.44 -2.19 0.44
CA VAL A 16 8.22 -2.03 0.50
C VAL A 16 7.74 -2.85 1.63
C VAL A 16 7.66 -2.86 1.67
N SER A 17 8.55 -3.35 2.54
CA SER A 17 8.13 -3.87 3.83
C SER A 17 8.63 -2.90 4.87
N LEU A 18 7.75 -2.47 5.78
CA LEU A 18 8.13 -1.67 6.93
C LEU A 18 8.40 -2.61 8.09
N ASN A 19 9.58 -2.49 8.67
CA ASN A 19 10.07 -3.42 9.67
C ASN A 19 10.44 -2.70 10.94
N SER A 20 9.94 -3.22 12.07
CA SER A 20 10.31 -2.68 13.38
C SER A 20 10.74 -3.83 14.28
N GLY A 21 11.56 -4.70 13.73
CA GLY A 21 11.92 -5.97 14.36
C GLY A 21 11.24 -7.15 13.67
N TYR A 22 10.30 -6.83 12.80
CA TYR A 22 9.39 -7.77 12.12
C TYR A 22 8.64 -6.92 11.10
N HIS A 23 8.16 -7.55 10.03
CA HIS A 23 7.28 -6.89 9.08
C HIS A 23 5.99 -6.48 9.77
N PHE A 24 5.52 -5.24 9.58
CA PHE A 24 4.22 -4.85 10.15
C PHE A 24 3.32 -4.10 9.18
N CYS A 25 3.83 -3.66 8.04
CA CYS A 25 3.02 -2.95 7.05
C CYS A 25 3.77 -2.92 5.73
N GLY A 26 3.02 -2.70 4.66
CA GLY A 26 3.59 -2.42 3.36
C GLY A 26 3.75 -0.94 3.13
N GLY A 27 4.31 -0.61 1.97
CA GLY A 27 4.45 0.74 1.51
C GLY A 27 4.88 0.71 0.06
N SER A 28 4.96 1.87 -0.57
CA SER A 28 5.30 2.02 -1.97
C SER A 28 6.40 3.05 -2.14
N LEU A 29 7.45 2.68 -2.85
CA LEU A 29 8.55 3.61 -3.16
C LEU A 29 8.11 4.53 -4.27
N ILE A 30 8.16 5.84 -4.02
CA ILE A 30 7.71 6.81 -5.03
C ILE A 30 8.84 7.67 -5.59
N ASN A 31 9.99 7.68 -4.94
CA ASN A 31 11.22 8.18 -5.54
C ASN A 31 12.37 7.59 -4.72
N SER A 32 13.60 7.98 -4.99
CA SER A 32 14.72 7.33 -4.34
C SER A 32 14.77 7.53 -2.83
N GLN A 33 14.05 8.56 -2.34
N GLN A 33 14.03 8.50 -2.29
CA GLN A 33 14.14 8.97 -0.93
CA GLN A 33 14.16 8.74 -0.86
C GLN A 33 12.85 8.80 -0.12
C GLN A 33 12.83 8.83 -0.12
N TRP A 34 11.73 8.49 -0.78
CA TRP A 34 10.42 8.59 -0.15
C TRP A 34 9.52 7.41 -0.42
N VAL A 35 8.82 7.01 0.62
CA VAL A 35 7.83 5.94 0.61
C VAL A 35 6.48 6.48 1.04
N VAL A 36 5.42 6.01 0.38
CA VAL A 36 4.03 6.27 0.79
C VAL A 36 3.48 5.03 1.45
N SER A 37 2.82 5.23 2.58
CA SER A 37 2.16 4.15 3.29
C SER A 37 0.87 4.68 3.90
N ALA A 38 0.25 3.88 4.77
CA ALA A 38 -0.96 4.30 5.45
C ALA A 38 -0.59 5.03 6.73
N ALA A 39 -1.35 6.07 7.10
CA ALA A 39 -1.17 6.73 8.39
C ALA A 39 -1.31 5.75 9.56
N HIS A 40 -2.19 4.75 9.43
CA HIS A 40 -2.39 3.85 10.55
C HIS A 40 -1.20 2.91 10.74
N CYS A 41 -0.25 2.92 9.80
CA CYS A 41 1.04 2.23 9.96
C CYS A 41 2.10 3.05 10.69
N TYR A 42 1.77 4.26 11.12
CA TYR A 42 2.75 5.07 11.81
C TYR A 42 3.27 4.38 13.07
N LYS A 43 4.58 4.41 13.23
CA LYS A 43 5.24 4.11 14.50
C LYS A 43 6.65 4.65 14.43
N SER A 44 7.31 4.73 15.57
CA SER A 44 8.71 5.14 15.63
C SER A 44 9.61 3.93 15.29
N GLY A 45 10.83 4.21 14.86
CA GLY A 45 11.81 3.16 14.67
C GLY A 45 11.56 2.25 13.48
N ILE A 46 11.14 2.85 12.37
CA ILE A 46 10.88 2.10 11.16
C ILE A 46 12.17 1.91 10.34
N GLN A 47 12.42 0.68 9.93
CA GLN A 47 13.41 0.39 8.88
C GLN A 47 12.64 -0.01 7.63
N VAL A 48 12.91 0.68 6.53
CA VAL A 48 12.30 0.36 5.25
C VAL A 48 13.12 -0.71 4.57
N ARG A 49 12.46 -1.78 4.14
CA ARG A 49 13.11 -2.89 3.46
C ARG A 49 12.62 -2.97 2.03
N LEU A 50 13.53 -2.64 1.13
CA LEU A 50 13.28 -2.63 -0.30
CA LEU A 50 13.28 -2.62 -0.30
C LEU A 50 13.87 -3.88 -0.94
N GLY A 51 13.40 -4.25 -2.12
CA GLY A 51 13.96 -5.40 -2.82
C GLY A 51 13.65 -6.73 -2.17
N GLU A 52 12.60 -6.79 -1.37
CA GLU A 52 12.24 -8.02 -0.66
C GLU A 52 11.38 -8.96 -1.49
N ASP A 53 11.64 -10.25 -1.36
CA ASP A 53 10.64 -11.26 -1.68
C ASP A 53 10.36 -12.04 -0.39
N ASN A 54 11.19 -13.00 -0.03
CA ASN A 54 11.04 -13.67 1.25
C ASN A 54 11.53 -12.76 2.35
N ILE A 55 10.61 -12.29 3.21
CA ILE A 55 10.98 -11.33 4.25
C ILE A 55 11.75 -11.95 5.42
N ASN A 56 11.88 -13.27 5.42
CA ASN A 56 12.63 -13.98 6.45
C ASN A 56 13.99 -14.51 6.02
N VAL A 57 14.37 -14.30 4.76
CA VAL A 57 15.62 -14.81 4.21
C VAL A 57 16.29 -13.69 3.44
N VAL A 58 17.60 -13.52 3.64
CA VAL A 58 18.35 -12.54 2.85
C VAL A 58 18.69 -13.23 1.52
N GLU A 59 18.08 -12.75 0.43
CA GLU A 59 18.17 -13.40 -0.87
C GLU A 59 19.08 -12.66 -1.83
N GLY A 60 19.47 -11.44 -1.53
CA GLY A 60 20.53 -10.78 -2.27
C GLY A 60 20.16 -9.50 -3.00
N ASN A 61 18.89 -9.13 -3.03
CA ASN A 61 18.47 -7.89 -3.69
C ASN A 61 17.92 -6.84 -2.74
N GLU A 62 18.00 -7.10 -1.44
CA GLU A 62 17.47 -6.18 -0.46
C GLU A 62 18.30 -4.91 -0.31
N GLN A 63 17.61 -3.83 0.06
CA GLN A 63 18.24 -2.65 0.63
C GLN A 63 17.48 -2.33 1.91
N PHE A 64 18.18 -2.23 3.02
CA PHE A 64 17.58 -1.91 4.30
C PHE A 64 18.01 -0.48 4.66
N ILE A 65 17.04 0.42 4.78
CA ILE A 65 17.33 1.84 5.03
C ILE A 65 16.40 2.37 6.10
N SER A 66 16.95 2.94 7.15
CA SER A 66 16.13 3.47 8.23
C SER A 66 15.39 4.71 7.79
N ALA A 67 14.20 4.91 8.34
CA ALA A 67 13.47 6.16 8.15
C ALA A 67 14.13 7.30 8.92
N SER A 68 14.26 8.45 8.28
CA SER A 68 14.70 9.65 8.96
C SER A 68 13.55 10.51 9.48
N LYS A 69 12.39 10.39 8.86
CA LYS A 69 11.24 11.22 9.22
C LYS A 69 9.98 10.54 8.72
N SER A 70 8.93 10.63 9.52
CA SER A 70 7.61 10.23 9.06
C SER A 70 6.71 11.44 9.10
N ILE A 71 5.81 11.54 8.13
CA ILE A 71 4.84 12.61 8.08
C ILE A 71 3.47 12.01 7.83
N VAL A 72 2.70 11.90 8.90
CA VAL A 72 1.29 11.53 8.79
C VAL A 72 0.50 12.68 8.21
N HIS A 73 -0.48 12.37 7.37
CA HIS A 73 -1.30 13.42 6.79
C HIS A 73 -1.86 14.35 7.87
N PRO A 74 -1.84 15.66 7.64
CA PRO A 74 -2.30 16.59 8.67
C PRO A 74 -3.72 16.32 9.15
N SER A 75 -4.57 15.77 8.31
CA SER A 75 -5.97 15.58 8.61
C SER A 75 -6.34 14.13 8.86
N TYR A 76 -5.37 13.26 9.06
CA TYR A 76 -5.70 11.86 9.37
C TYR A 76 -6.53 11.77 10.63
N ASN A 77 -7.63 11.02 10.54
CA ASN A 77 -8.49 10.74 11.68
C ASN A 77 -8.50 9.23 11.92
N SER A 78 -7.94 8.81 13.05
CA SER A 78 -7.75 7.39 13.31
C SER A 78 -9.04 6.67 13.71
N ASN A 79 -10.09 7.42 14.02
CA ASN A 79 -11.39 6.81 14.28
C ASN A 79 -12.14 6.46 12.99
N THR A 80 -12.19 7.39 12.05
CA THR A 80 -12.93 7.20 10.79
C THR A 80 -12.04 6.69 9.68
N LEU A 81 -10.73 6.78 9.88
CA LEU A 81 -9.73 6.41 8.90
C LEU A 81 -9.70 7.33 7.68
N ASN A 82 -10.35 8.47 7.76
CA ASN A 82 -10.23 9.44 6.68
C ASN A 82 -8.80 9.98 6.60
N ASN A 83 -8.31 10.10 5.37
CA ASN A 83 -6.96 10.58 5.08
C ASN A 83 -5.88 9.63 5.61
N ASP A 84 -6.05 8.34 5.31
CA ASP A 84 -5.15 7.31 5.81
C ASP A 84 -3.92 7.20 4.91
N ILE A 85 -3.02 8.16 5.06
CA ILE A 85 -1.82 8.24 4.23
C ILE A 85 -0.71 8.89 5.03
N MET A 86 0.50 8.43 4.77
CA MET A 86 1.70 8.92 5.45
CA MET A 86 1.69 8.96 5.42
C MET A 86 2.87 8.83 4.49
N LEU A 87 3.80 9.76 4.62
CA LEU A 87 5.05 9.74 3.88
C LEU A 87 6.18 9.39 4.82
N ILE A 88 7.15 8.65 4.32
CA ILE A 88 8.33 8.26 5.08
C ILE A 88 9.56 8.62 4.26
N LYS A 89 10.45 9.41 4.84
CA LYS A 89 11.70 9.74 4.16
C LYS A 89 12.78 8.79 4.63
N LEU A 90 13.57 8.30 3.68
CA LEU A 90 14.69 7.42 3.95
C LEU A 90 15.93 8.20 4.36
N LYS A 91 16.72 7.66 5.27
CA LYS A 91 17.96 8.31 5.72
C LYS A 91 18.99 8.47 4.60
N SER A 92 18.95 7.56 3.63
CA SER A 92 19.82 7.65 2.44
C SER A 92 18.97 7.25 1.25
N ALA A 93 19.38 7.67 0.06
CA ALA A 93 18.65 7.36 -1.15
C ALA A 93 18.83 5.89 -1.52
N ALA A 94 17.73 5.24 -1.88
CA ALA A 94 17.81 3.90 -2.42
C ALA A 94 18.52 3.90 -3.74
N SER A 95 19.23 2.82 -4.02
CA SER A 95 19.82 2.62 -5.33
CA SER A 95 19.82 2.62 -5.34
C SER A 95 18.77 2.00 -6.24
N LEU A 96 18.34 2.74 -7.25
CA LEU A 96 17.26 2.25 -8.08
C LEU A 96 17.82 1.38 -9.20
N ASN A 97 17.13 0.26 -9.43
CA ASN A 97 17.51 -0.73 -10.43
C ASN A 97 16.24 -1.48 -10.85
N SER A 98 16.36 -2.59 -11.57
CA SER A 98 15.16 -3.27 -12.09
C SER A 98 14.29 -3.87 -10.99
N ARG A 99 14.90 -4.18 -9.85
CA ARG A 99 14.21 -4.86 -8.76
C ARG A 99 13.80 -3.93 -7.63
N VAL A 100 14.31 -2.69 -7.65
CA VAL A 100 13.95 -1.66 -6.68
C VAL A 100 13.70 -0.41 -7.50
N ALA A 101 12.43 -0.03 -7.61
CA ALA A 101 12.05 1.00 -8.56
C ALA A 101 10.87 1.75 -7.99
N SER A 102 10.79 3.04 -8.29
N SER A 102 10.78 3.03 -8.34
CA SER A 102 9.65 3.82 -7.84
CA SER A 102 9.66 3.85 -7.90
C SER A 102 8.43 3.57 -8.72
C SER A 102 8.42 3.50 -8.70
N ILE A 103 7.26 3.84 -8.15
CA ILE A 103 6.00 3.77 -8.88
C ILE A 103 5.47 5.18 -9.08
N SER A 104 4.99 5.45 -10.28
N SER A 104 4.98 5.45 -10.28
CA SER A 104 4.44 6.75 -10.64
CA SER A 104 4.47 6.77 -10.62
C SER A 104 3.19 7.12 -9.83
C SER A 104 3.20 7.12 -9.84
N LEU A 105 3.08 8.39 -9.47
CA LEU A 105 1.86 8.91 -8.88
C LEU A 105 0.86 9.14 -10.00
N PRO A 106 -0.44 9.11 -9.67
CA PRO A 106 -1.44 9.37 -10.70
C PRO A 106 -1.48 10.84 -11.11
N THR A 107 -1.88 11.08 -12.35
CA THR A 107 -2.19 12.44 -12.78
C THR A 107 -3.68 12.62 -12.83
N SER A 108 -4.41 11.52 -12.94
CA SER A 108 -5.86 11.54 -12.79
C SER A 108 -6.29 10.32 -12.00
N CYS A 109 -7.45 10.43 -11.39
CA CYS A 109 -8.04 9.36 -10.60
C CYS A 109 -8.47 8.22 -11.52
N ALA A 110 -8.55 7.02 -10.96
CA ALA A 110 -8.99 5.85 -11.69
C ALA A 110 -10.49 5.62 -11.51
N SER A 111 -11.11 5.00 -12.50
CA SER A 111 -12.54 4.76 -12.51
C SER A 111 -12.89 3.35 -12.04
N ALA A 112 -14.10 3.21 -11.51
CA ALA A 112 -14.66 1.90 -11.26
C ALA A 112 -14.53 1.02 -12.51
N GLY A 113 -14.17 -0.24 -12.29
CA GLY A 113 -13.97 -1.21 -13.35
C GLY A 113 -12.51 -1.39 -13.75
N THR A 114 -11.67 -0.42 -13.43
CA THR A 114 -10.24 -0.54 -13.74
C THR A 114 -9.62 -1.67 -12.93
N GLN A 115 -8.85 -2.52 -13.61
CA GLN A 115 -8.13 -3.61 -12.95
C GLN A 115 -6.84 -3.07 -12.34
N CYS A 116 -6.57 -3.52 -11.11
CA CYS A 116 -5.41 -3.08 -10.38
C CYS A 116 -4.68 -4.27 -9.77
N LEU A 117 -3.45 -4.05 -9.35
CA LEU A 117 -2.63 -5.04 -8.68
C LEU A 117 -2.41 -4.61 -7.24
N ILE A 118 -2.82 -5.47 -6.32
CA ILE A 118 -2.69 -5.25 -4.89
C ILE A 118 -1.71 -6.27 -4.36
N SER A 119 -0.80 -5.90 -3.48
CA SER A 119 0.25 -6.83 -3.06
C SER A 119 0.63 -6.63 -1.61
N GLY A 120 1.18 -7.67 -1.01
CA GLY A 120 1.65 -7.59 0.36
C GLY A 120 1.96 -8.92 1.00
N TRP A 121 2.41 -8.84 2.25
CA TRP A 121 2.79 -9.98 3.06
C TRP A 121 1.78 -10.22 4.19
N GLY A 122 0.55 -9.76 3.99
CA GLY A 122 -0.48 -9.95 5.00
C GLY A 122 -1.08 -11.34 5.02
N ASN A 123 -2.00 -11.54 5.96
CA ASN A 123 -2.66 -12.82 6.18
C ASN A 123 -3.28 -13.36 4.89
N THR A 124 -3.15 -14.66 4.68
CA THR A 124 -3.70 -15.30 3.49
C THR A 124 -4.98 -16.07 3.77
N LYS A 125 -5.44 -16.03 5.01
CA LYS A 125 -6.66 -16.72 5.42
C LYS A 125 -7.68 -15.74 5.98
N SER A 126 -8.95 -15.95 5.63
CA SER A 126 -10.02 -15.08 6.10
C SER A 126 -10.64 -15.63 7.38
N THR A 129 -5.44 -18.04 10.38
CA THR A 129 -4.25 -17.18 10.35
C THR A 129 -3.06 -17.88 9.73
N SER A 130 -2.54 -17.29 8.65
CA SER A 130 -1.31 -17.78 8.04
C SER A 130 -0.65 -16.64 7.32
N TYR A 131 0.57 -16.32 7.76
CA TYR A 131 1.32 -15.21 7.21
C TYR A 131 2.41 -15.73 6.31
N PRO A 132 2.44 -15.25 5.07
CA PRO A 132 3.39 -15.77 4.08
C PRO A 132 4.76 -15.16 4.25
N ASP A 133 5.75 -15.86 3.75
CA ASP A 133 7.09 -15.31 3.71
C ASP A 133 7.36 -14.55 2.42
N VAL A 134 6.81 -15.01 1.30
CA VAL A 134 7.03 -14.35 0.01
C VAL A 134 5.86 -13.44 -0.35
N LEU A 135 6.12 -12.51 -1.26
CA LEU A 135 5.13 -11.49 -1.58
C LEU A 135 3.96 -12.09 -2.35
N LYS A 136 2.75 -11.76 -1.92
CA LYS A 136 1.52 -12.19 -2.59
C LYS A 136 0.87 -11.04 -3.35
N CYS A 137 0.13 -11.40 -4.40
CA CYS A 137 -0.47 -10.48 -5.34
C CYS A 137 -1.94 -10.84 -5.55
N LEU A 138 -2.72 -9.83 -5.91
CA LEU A 138 -4.11 -10.00 -6.27
C LEU A 138 -4.47 -8.98 -7.33
N LYS A 139 -5.05 -9.44 -8.41
CA LYS A 139 -5.64 -8.55 -9.40
C LYS A 139 -7.10 -8.35 -9.04
N ALA A 140 -7.51 -7.09 -8.95
CA ALA A 140 -8.86 -6.75 -8.49
C ALA A 140 -9.31 -5.46 -9.13
N PRO A 141 -10.62 -5.35 -9.40
CA PRO A 141 -11.16 -4.13 -9.98
C PRO A 141 -11.59 -3.12 -8.94
N ILE A 142 -11.48 -1.85 -9.27
CA ILE A 142 -12.10 -0.80 -8.49
C ILE A 142 -13.61 -0.94 -8.60
N LEU A 143 -14.31 -0.81 -7.48
CA LEU A 143 -15.77 -0.89 -7.43
C LEU A 143 -16.38 0.50 -7.49
N SER A 144 -17.62 0.56 -7.94
CA SER A 144 -18.32 1.84 -8.01
C SER A 144 -18.47 2.46 -6.63
N ASP A 145 -18.51 3.78 -6.59
CA ASP A 145 -18.75 4.51 -5.35
C ASP A 145 -20.05 4.06 -4.72
N SER A 146 -21.09 3.85 -5.53
CA SER A 146 -22.37 3.43 -4.98
C SER A 146 -22.29 2.04 -4.34
N SER A 147 -21.61 1.09 -4.97
CA SER A 147 -21.44 -0.25 -4.38
C SER A 147 -20.63 -0.17 -3.08
N CYS A 148 -19.61 0.68 -3.09
CA CYS A 148 -18.76 0.84 -1.93
C CYS A 148 -19.57 1.38 -0.75
N LYS A 149 -20.34 2.45 -0.99
CA LYS A 149 -21.18 3.04 0.04
C LYS A 149 -22.27 2.11 0.51
N SER A 150 -22.82 1.31 -0.38
CA SER A 150 -23.85 0.35 0.00
C SER A 150 -23.26 -0.73 0.91
N ALA A 151 -22.02 -1.11 0.66
CA ALA A 151 -21.34 -2.11 1.47
C ALA A 151 -21.02 -1.60 2.88
N TYR A 152 -20.67 -0.32 2.98
CA TYR A 152 -20.24 0.30 4.23
C TYR A 152 -21.00 1.60 4.45
N PRO A 153 -22.29 1.50 4.74
CA PRO A 153 -23.10 2.70 4.89
C PRO A 153 -22.53 3.67 5.93
N GLY A 154 -22.47 4.94 5.55
CA GLY A 154 -22.01 5.99 6.44
C GLY A 154 -20.51 6.06 6.71
N GLN A 155 -19.70 5.25 6.02
CA GLN A 155 -18.27 5.16 6.34
C GLN A 155 -17.32 5.57 5.21
N ILE A 156 -17.81 5.67 3.98
CA ILE A 156 -16.93 5.89 2.84
C ILE A 156 -16.89 7.38 2.52
N THR A 157 -15.71 7.97 2.66
CA THR A 157 -15.53 9.38 2.36
C THR A 157 -15.01 9.52 0.94
N SER A 158 -14.91 10.77 0.49
CA SER A 158 -14.38 11.05 -0.83
C SER A 158 -12.91 10.68 -0.98
N ASN A 159 -12.25 10.33 0.13
CA ASN A 159 -10.84 9.93 0.12
C ASN A 159 -10.63 8.44 0.18
N MET A 160 -11.69 7.68 -0.11
CA MET A 160 -11.67 6.23 -0.06
C MET A 160 -12.32 5.63 -1.29
N PHE A 161 -11.85 4.46 -1.69
CA PHE A 161 -12.57 3.68 -2.70
C PHE A 161 -12.51 2.21 -2.33
N CYS A 162 -13.45 1.44 -2.84
CA CYS A 162 -13.46 0.01 -2.64
C CYS A 162 -12.88 -0.66 -3.86
N ALA A 163 -12.22 -1.80 -3.65
CA ALA A 163 -11.76 -2.62 -4.76
C ALA A 163 -11.86 -4.07 -4.31
N GLY A 164 -12.08 -4.96 -5.26
CA GLY A 164 -12.17 -6.37 -4.95
C GLY A 164 -13.41 -7.00 -5.52
N TYR A 165 -14.02 -7.87 -4.72
CA TYR A 165 -15.03 -8.79 -5.22
C TYR A 165 -16.12 -8.94 -4.17
N LEU A 166 -17.32 -8.49 -4.51
CA LEU A 166 -18.42 -8.53 -3.56
C LEU A 166 -18.81 -9.95 -3.16
N GLU A 167 -18.49 -10.94 -3.99
CA GLU A 167 -18.80 -12.33 -3.67
C GLU A 167 -17.92 -12.87 -2.55
N GLY A 168 -16.82 -12.17 -2.24
CA GLY A 168 -15.90 -12.64 -1.23
C GLY A 168 -14.82 -13.55 -1.80
N GLY A 169 -13.90 -13.96 -0.96
CA GLY A 169 -12.86 -14.90 -1.35
C GLY A 169 -11.53 -14.32 -1.79
N LYS A 170 -11.50 -13.07 -2.20
CA LYS A 170 -10.29 -12.44 -2.75
C LYS A 170 -10.20 -11.03 -2.22
N ASP A 171 -9.16 -10.71 -1.45
CA ASP A 171 -9.08 -9.41 -0.79
C ASP A 171 -7.67 -9.21 -0.22
N SER A 172 -7.35 -7.98 0.16
N SER A 172 -7.35 -7.98 0.18
CA SER A 172 -6.19 -7.75 1.02
CA SER A 172 -6.19 -7.76 1.02
C SER A 172 -6.61 -8.04 2.47
C SER A 172 -6.62 -8.03 2.47
N CYS A 173 -5.67 -7.97 3.40
CA CYS A 173 -5.96 -8.38 4.77
C CYS A 173 -4.94 -7.75 5.71
N GLN A 174 -5.09 -8.06 7.01
CA GLN A 174 -4.17 -7.58 8.03
C GLN A 174 -2.73 -7.88 7.62
N GLY A 175 -1.86 -6.88 7.74
CA GLY A 175 -0.46 -7.03 7.34
C GLY A 175 -0.17 -6.53 5.94
N ASP A 176 -1.23 -6.36 5.14
CA ASP A 176 -1.09 -5.76 3.82
C ASP A 176 -1.18 -4.24 3.89
N SER A 177 -1.69 -3.76 5.03
CA SER A 177 -1.91 -2.33 5.25
C SER A 177 -0.74 -1.50 4.84
N GLY A 178 -1.04 -0.37 4.19
CA GLY A 178 -0.01 0.55 3.76
C GLY A 178 0.54 0.26 2.38
N GLY A 179 0.28 -0.93 1.87
CA GLY A 179 0.81 -1.34 0.59
C GLY A 179 0.04 -0.80 -0.59
N PRO A 180 0.54 -1.13 -1.80
CA PRO A 180 0.05 -0.52 -3.03
C PRO A 180 -1.19 -1.14 -3.66
N VAL A 181 -1.94 -0.28 -4.32
CA VAL A 181 -2.91 -0.64 -5.33
C VAL A 181 -2.48 0.11 -6.58
N VAL A 182 -1.97 -0.63 -7.57
CA VAL A 182 -1.44 -0.03 -8.78
C VAL A 182 -2.31 -0.38 -9.97
N CYS A 183 -2.67 0.63 -10.76
CA CYS A 183 -3.60 0.46 -11.87
C CYS A 183 -2.95 1.12 -13.06
N SER A 184 -2.72 0.35 -14.12
CA SER A 184 -2.08 0.86 -15.34
C SER A 184 -0.81 1.65 -15.03
N GLY A 185 0.00 1.15 -14.11
CA GLY A 185 1.30 1.74 -13.82
C GLY A 185 1.28 2.95 -12.91
N LYS A 186 0.15 3.22 -12.25
CA LYS A 186 0.03 4.37 -11.35
C LYS A 186 -0.42 3.89 -9.99
N LEU A 187 0.14 4.48 -8.94
CA LEU A 187 -0.28 4.18 -7.56
C LEU A 187 -1.60 4.90 -7.27
N GLN A 188 -2.71 4.18 -7.36
CA GLN A 188 -4.04 4.77 -7.13
C GLN A 188 -4.57 4.54 -5.72
N GLY A 189 -4.07 3.53 -5.03
CA GLY A 189 -4.59 3.22 -3.70
C GLY A 189 -3.56 2.77 -2.70
N ILE A 190 -3.92 2.86 -1.44
CA ILE A 190 -3.14 2.35 -0.31
C ILE A 190 -4.06 1.44 0.48
N VAL A 191 -3.60 0.23 0.81
CA VAL A 191 -4.39 -0.69 1.61
C VAL A 191 -4.71 -0.04 2.95
N SER A 192 -6.00 0.13 3.24
CA SER A 192 -6.42 0.90 4.41
C SER A 192 -7.26 0.07 5.39
N TRP A 193 -8.46 -0.35 5.03
CA TRP A 193 -9.32 -1.05 5.99
C TRP A 193 -10.36 -1.93 5.31
N GLY A 194 -11.18 -2.60 6.13
CA GLY A 194 -12.25 -3.44 5.63
C GLY A 194 -12.77 -4.29 6.79
N SER A 195 -13.96 -4.84 6.66
CA SER A 195 -14.51 -5.63 7.74
C SER A 195 -14.10 -7.08 7.55
N GLY A 196 -13.23 -7.57 8.42
CA GLY A 196 -12.61 -8.86 8.19
C GLY A 196 -11.84 -8.83 6.88
N CYS A 197 -11.69 -9.98 6.24
CA CYS A 197 -11.02 -10.07 4.95
C CYS A 197 -11.74 -11.06 4.08
N ALA A 198 -11.96 -10.67 2.82
CA ALA A 198 -12.53 -11.57 1.82
C ALA A 198 -13.95 -12.04 2.16
N GLN A 199 -14.64 -11.24 2.97
CA GLN A 199 -16.02 -11.57 3.32
C GLN A 199 -16.99 -11.07 2.26
N LYS A 200 -18.09 -11.79 2.08
CA LYS A 200 -19.11 -11.38 1.16
C LYS A 200 -19.62 -9.99 1.50
N ASN A 201 -19.73 -9.16 0.46
CA ASN A 201 -20.26 -7.79 0.58
C ASN A 201 -19.43 -6.86 1.47
N LYS A 202 -18.19 -7.23 1.71
CA LYS A 202 -17.27 -6.40 2.48
C LYS A 202 -15.93 -6.30 1.76
N PRO A 203 -15.90 -5.55 0.66
CA PRO A 203 -14.66 -5.41 -0.10
C PRO A 203 -13.65 -4.58 0.67
N GLY A 204 -12.41 -4.64 0.20
CA GLY A 204 -11.38 -3.80 0.77
C GLY A 204 -11.61 -2.33 0.48
N VAL A 205 -11.20 -1.50 1.44
CA VAL A 205 -11.28 -0.04 1.31
C VAL A 205 -9.87 0.50 1.28
N TYR A 206 -9.65 1.43 0.36
CA TYR A 206 -8.32 1.93 0.00
C TYR A 206 -8.30 3.44 0.00
N THR A 207 -7.19 4.01 0.45
CA THR A 207 -7.00 5.45 0.38
C THR A 207 -6.87 5.88 -1.07
N LYS A 208 -7.59 6.93 -1.44
CA LYS A 208 -7.65 7.39 -2.80
C LYS A 208 -6.48 8.36 -3.08
N VAL A 209 -5.38 7.79 -3.56
CA VAL A 209 -4.11 8.51 -3.69
C VAL A 209 -4.20 9.75 -4.58
N CYS A 210 -5.01 9.72 -5.62
CA CYS A 210 -5.05 10.86 -6.52
C CYS A 210 -5.45 12.14 -5.82
N ASN A 211 -6.15 12.05 -4.69
CA ASN A 211 -6.53 13.24 -3.93
C ASN A 211 -5.37 13.88 -3.19
N TYR A 212 -4.25 13.18 -3.11
CA TYR A 212 -3.13 13.56 -2.26
C TYR A 212 -1.89 13.96 -3.02
N VAL A 213 -1.94 13.95 -4.34
CA VAL A 213 -0.73 14.15 -5.13
C VAL A 213 -0.13 15.53 -4.87
N SER A 214 -0.96 16.55 -4.76
N SER A 214 -0.97 16.55 -4.75
CA SER A 214 -0.44 17.89 -4.50
CA SER A 214 -0.48 17.90 -4.49
C SER A 214 0.25 17.95 -3.13
C SER A 214 0.23 17.96 -3.14
N TRP A 215 -0.38 17.37 -2.12
CA TRP A 215 0.23 17.31 -0.79
C TRP A 215 1.54 16.52 -0.83
N ILE A 216 1.56 15.38 -1.50
CA ILE A 216 2.79 14.59 -1.59
C ILE A 216 3.90 15.43 -2.24
N LYS A 217 3.60 16.05 -3.37
CA LYS A 217 4.64 16.76 -4.09
C LYS A 217 5.17 17.93 -3.29
N GLN A 218 4.28 18.70 -2.67
CA GLN A 218 4.75 19.87 -1.95
C GLN A 218 5.50 19.46 -0.68
N THR A 219 5.06 18.36 -0.06
CA THR A 219 5.78 17.85 1.12
C THR A 219 7.20 17.43 0.77
N ILE A 220 7.34 16.67 -0.32
CA ILE A 220 8.67 16.24 -0.76
C ILE A 220 9.53 17.45 -1.09
N ALA A 221 8.95 18.44 -1.72
CA ALA A 221 9.69 19.62 -2.17
C ALA A 221 10.28 20.45 -1.02
N SER A 222 9.74 20.28 0.19
CA SER A 222 10.16 21.08 1.32
C SER A 222 10.72 20.25 2.48
N ASN A 223 10.93 18.96 2.26
CA ASN A 223 11.42 18.08 3.31
C ASN A 223 12.55 17.19 2.84
CA CA B . 14.58 -11.09 2.02
C01 DJY C . -4.95 1.10 14.01
C04 DJY C . -5.24 -1.21 12.26
C06 DJY C . -6.18 -2.15 10.28
C07 DJY C . -6.68 -0.88 9.93
C09 DJY C . -6.94 1.63 10.33
C10 DJY C . -7.04 1.98 9.03
C11 DJY C . -6.59 -3.29 9.38
C14 DJY C . -7.16 -3.83 6.98
C15 DJY C . -8.43 -4.36 7.24
C17 DJY C . -8.52 -5.10 5.00
C18 DJY C . -7.30 -4.50 4.73
C19 DJY C . -6.62 -3.84 5.73
C20 DJY C . -9.27 -5.76 3.89
N21 DJY C . -10.27 -6.69 4.16
C23 DJY C . -4.99 -3.58 11.86
C24 DJY C . -5.42 -4.18 13.03
C26 DJY C . -3.95 -6.03 12.61
C28 DJY C . -4.03 -4.25 11.10
C29 DJY C . -3.46 -3.68 9.80
C32 DJY C . -3.38 -7.41 12.94
N34 DJY C . -2.23 -7.82 12.21
C35 DJY C . -1.65 -9.12 12.42
C38 DJY C . 0.72 -8.98 13.37
O02 DJY C . -5.48 1.22 12.70
C03 DJY C . -5.70 0.06 11.91
C05 DJY C . -5.48 -2.32 11.47
C08 DJY C . -6.43 0.23 10.74
O12 DJY C . -6.95 -4.36 9.82
N13 DJY C . -6.62 -3.02 8.00
C16 DJY C . -9.11 -5.03 6.25
N22 DJY C . -9.08 -5.38 2.65
C25 DJY C . -4.92 -5.42 13.40
N27 DJY C . -3.55 -5.44 11.48
O30 DJY C . -2.83 -2.58 9.83
O31 DJY C . -3.59 -4.31 8.72
O33 DJY C . -3.92 -8.11 13.77
C36 DJY C . -0.74 -9.28 13.65
C37 DJY C . -0.11 -8.04 14.24
H013 DJY C . -4.12 1.60 14.08
H012 DJY C . -4.77 0.15 14.20
H011 DJY C . -5.60 1.43 14.66
H041 DJY C . -4.72 -1.31 13.09
H071 DJY C . -7.20 -0.78 9.11
H091 DJY C . -7.20 2.26 11.03
H101 DJY C . -6.78 1.35 8.33
H102 DJY C . -7.37 2.87 8.79
H151 DJY C . -8.82 -4.29 8.14
H181 DJY C . -6.92 -4.56 3.82
H191 DJY C . -5.76 -3.41 5.55
H212 DJY C . -10.43 -6.96 5.02
H241 DJY C . -6.10 -3.74 13.60
H341 DJY C . -1.87 -7.28 11.58
H352 DJY C . -2.39 -9.77 12.50
H351 DJY C . -1.12 -9.35 11.62
H382 DJY C . 1.37 -9.54 13.84
H381 DJY C . 0.92 -8.64 12.47
H131 DJY C . -6.42 -2.16 7.76
H161 DJY C . -9.98 -5.44 6.42
H1 DJY C . -8.44 -4.77 2.45
H251 DJY C . -5.22 -5.86 14.23
H361 DJY C . -0.91 -10.02 14.28
H372 DJY C . -0.37 -7.19 13.83
H371 DJY C . 0.08 -8.08 15.20
H211 DJY C . -10.73 -7.08 3.47
#